data_4RX6
#
_entry.id   4RX6
#
_cell.length_a   103.200
_cell.length_b   103.200
_cell.length_c   77.800
_cell.angle_alpha   90.00
_cell.angle_beta   90.00
_cell.angle_gamma   120.00
#
_symmetry.space_group_name_H-M   'P 31 2 1'
#
loop_
_entity.id
_entity.type
_entity.pdbx_description
1 polymer 'Nitrogen regulatory PII-like protein'
2 non-polymer "ADENOSINE-5'-TRIPHOSPHATE"
3 water water
#
_entity_poly.entity_id   1
_entity_poly.type   'polypeptide(L)'
_entity_poly.pdbx_seq_one_letter_code
;MRSDAMSGQMFKVEIVTRPANFEKLKQELGKIGVTSLTFSNVHGCGLQKAHTELYRGVKIESNVYERLKIEIVVSKVPVD
QVTETAKRVLKTGSPGDGKIFVYEISNTINIRTGEEGPEAL
;
_entity_poly.pdbx_strand_id   A,B,D
#
loop_
_chem_comp.id
_chem_comp.type
_chem_comp.name
_chem_comp.formula
ATP non-polymer ADENOSINE-5'-TRIPHOSPHATE 'C10 H16 N5 O13 P3'
#
# COMPACT_ATOMS: atom_id res chain seq x y z
N ALA A 5 10.01 -17.49 11.08
CA ALA A 5 9.13 -16.42 11.52
C ALA A 5 9.94 -15.21 12.05
N MET A 6 10.48 -15.31 13.27
CA MET A 6 11.68 -14.55 13.71
C MET A 6 11.61 -13.09 14.23
N SER A 7 12.28 -12.83 15.33
CA SER A 7 12.20 -11.54 16.01
C SER A 7 12.96 -10.39 15.31
N GLY A 8 12.35 -9.21 15.31
CA GLY A 8 12.90 -8.07 14.62
C GLY A 8 12.15 -7.83 13.33
N GLN A 9 11.61 -8.88 12.74
CA GLN A 9 10.93 -8.72 11.47
C GLN A 9 9.55 -8.05 11.59
N MET A 10 9.24 -7.24 10.60
CA MET A 10 7.96 -6.58 10.53
C MET A 10 7.43 -6.91 9.17
N PHE A 11 6.14 -7.16 9.06
CA PHE A 11 5.51 -7.43 7.77
C PHE A 11 4.25 -6.61 7.54
N LYS A 12 4.06 -6.15 6.31
CA LYS A 12 2.79 -5.61 5.94
C LYS A 12 1.92 -6.74 5.41
N VAL A 13 0.81 -6.99 6.09
CA VAL A 13 -0.20 -7.90 5.56
C VAL A 13 -1.24 -7.06 4.83
N GLU A 14 -1.43 -7.34 3.55
CA GLU A 14 -2.31 -6.57 2.72
C GLU A 14 -3.46 -7.44 2.19
N ILE A 15 -4.70 -7.14 2.59
CA ILE A 15 -5.86 -7.91 2.14
C ILE A 15 -6.77 -7.11 1.22
N VAL A 16 -7.06 -7.64 0.05
CA VAL A 16 -8.08 -7.06 -0.80
C VAL A 16 -9.25 -8.04 -0.98
N THR A 17 -10.47 -7.58 -0.71
CA THR A 17 -11.59 -8.51 -0.53
C THR A 17 -12.94 -7.83 -0.75
N ARG A 18 -14.00 -8.60 -0.58
CA ARG A 18 -15.37 -8.12 -0.48
C ARG A 18 -15.52 -7.10 0.66
N PRO A 19 -16.39 -6.10 0.48
CA PRO A 19 -16.73 -5.20 1.59
C PRO A 19 -17.36 -5.93 2.78
N ALA A 20 -17.92 -7.11 2.51
CA ALA A 20 -18.64 -7.90 3.52
C ALA A 20 -17.75 -8.51 4.63
N ASN A 21 -18.36 -8.77 5.78
CA ASN A 21 -17.68 -9.38 6.93
C ASN A 21 -16.59 -8.54 7.58
N PHE A 22 -16.46 -7.29 7.15
CA PHE A 22 -15.41 -6.43 7.68
C PHE A 22 -15.48 -6.30 9.20
N GLU A 23 -16.66 -6.41 9.77
CA GLU A 23 -16.82 -6.15 11.19
C GLU A 23 -16.50 -7.37 12.06
N LYS A 24 -16.87 -8.57 11.63
CA LYS A 24 -16.42 -9.76 12.35
C LYS A 24 -14.88 -9.81 12.25
N LEU A 25 -14.36 -9.33 11.12
CA LEU A 25 -12.92 -9.28 10.93
C LEU A 25 -12.21 -8.40 11.97
N LYS A 26 -12.69 -7.17 12.15
CA LYS A 26 -12.09 -6.27 13.14
C LYS A 26 -12.15 -6.95 14.49
N GLN A 27 -13.32 -7.51 14.82
CA GLN A 27 -13.46 -8.21 16.09
C GLN A 27 -12.26 -9.14 16.31
N GLU A 28 -12.03 -10.07 15.38
CA GLU A 28 -11.11 -11.18 15.60
C GLU A 28 -9.64 -10.77 15.53
N LEU A 29 -9.28 -9.95 14.56
CA LEU A 29 -7.93 -9.44 14.44
C LEU A 29 -7.58 -8.76 15.77
N GLY A 30 -8.58 -8.05 16.31
CA GLY A 30 -8.40 -7.28 17.52
C GLY A 30 -8.00 -8.17 18.68
N LYS A 31 -8.34 -9.45 18.56
CA LYS A 31 -8.17 -10.38 19.66
C LYS A 31 -6.83 -11.12 19.63
N ILE A 32 -6.29 -11.33 18.43
CA ILE A 32 -4.97 -11.92 18.35
C ILE A 32 -3.96 -10.82 18.57
N GLY A 33 -4.44 -9.61 18.89
CA GLY A 33 -3.59 -8.56 19.40
C GLY A 33 -3.29 -7.36 18.51
N VAL A 34 -3.98 -7.22 17.38
CA VAL A 34 -3.81 -6.08 16.50
C VAL A 34 -4.48 -4.87 17.13
N THR A 35 -3.76 -3.76 17.18
CA THR A 35 -4.25 -2.56 17.84
C THR A 35 -4.60 -1.48 16.82
N SER A 36 -4.15 -1.63 15.58
CA SER A 36 -4.57 -0.66 14.58
C SER A 36 -4.32 -1.15 13.16
N LEU A 37 -5.18 -0.69 12.25
CA LEU A 37 -5.01 -0.96 10.84
C LEU A 37 -5.52 0.21 10.01
N THR A 38 -5.30 0.13 8.71
CA THR A 38 -5.70 1.16 7.76
C THR A 38 -6.50 0.47 6.69
N PHE A 39 -7.62 1.04 6.28
CA PHE A 39 -8.33 0.44 5.16
C PHE A 39 -8.80 1.54 4.25
N SER A 40 -9.02 1.21 2.99
CA SER A 40 -9.57 2.18 2.09
C SER A 40 -10.51 1.48 1.16
N ASN A 41 -11.48 2.23 0.65
CA ASN A 41 -12.39 1.71 -0.35
C ASN A 41 -11.83 1.84 -1.77
N VAL A 42 -11.41 0.71 -2.32
CA VAL A 42 -10.84 0.67 -3.67
C VAL A 42 -11.79 -0.07 -4.64
N HIS A 43 -11.29 -0.46 -5.81
CA HIS A 43 -12.08 -1.22 -6.76
C HIS A 43 -11.25 -2.38 -7.27
N GLY A 44 -11.89 -3.48 -7.66
CA GLY A 44 -11.19 -4.61 -8.21
C GLY A 44 -11.56 -4.67 -9.66
N CYS A 45 -10.71 -5.27 -10.48
CA CYS A 45 -11.00 -5.42 -11.90
C CYS A 45 -10.73 -6.87 -12.29
N GLY A 46 -11.65 -7.45 -13.05
CA GLY A 46 -11.52 -8.83 -13.47
C GLY A 46 -11.33 -8.90 -14.97
N LEU A 47 -10.34 -9.69 -15.38
CA LEU A 47 -10.02 -9.83 -16.80
C LEU A 47 -10.07 -11.29 -17.26
N GLN A 48 -10.51 -11.47 -18.50
CA GLN A 48 -10.76 -12.78 -19.05
C GLN A 48 -10.48 -12.80 -20.55
N LYS A 49 -9.79 -13.83 -21.00
CA LYS A 49 -9.48 -14.00 -22.42
C LYS A 49 -10.60 -14.82 -23.04
N ALA A 50 -11.33 -14.23 -23.98
CA ALA A 50 -12.48 -14.88 -24.59
C ALA A 50 -12.34 -14.85 -26.11
N LYS A 59 -10.25 -11.45 -27.85
CA LYS A 59 -10.37 -10.24 -27.03
C LYS A 59 -10.78 -10.58 -25.58
N ILE A 60 -10.63 -9.58 -24.70
CA ILE A 60 -10.83 -9.70 -23.25
C ILE A 60 -12.15 -9.19 -22.69
N GLU A 61 -12.71 -9.91 -21.70
CA GLU A 61 -13.90 -9.43 -21.00
C GLU A 61 -13.48 -8.84 -19.66
N SER A 62 -13.95 -7.62 -19.42
CA SER A 62 -13.48 -6.82 -18.30
C SER A 62 -14.63 -6.46 -17.34
N ASN A 63 -14.48 -6.85 -16.07
CA ASN A 63 -15.42 -6.43 -15.05
C ASN A 63 -14.82 -5.52 -13.97
N VAL A 64 -15.71 -4.82 -13.26
CA VAL A 64 -15.37 -3.82 -12.25
C VAL A 64 -16.16 -4.07 -10.98
N TYR A 65 -15.47 -4.28 -9.87
CA TYR A 65 -16.13 -4.49 -8.58
C TYR A 65 -15.76 -3.45 -7.54
N GLU A 66 -16.56 -3.35 -6.49
CA GLU A 66 -16.13 -2.58 -5.34
C GLU A 66 -15.47 -3.55 -4.38
N ARG A 67 -14.23 -3.27 -4.02
CA ARG A 67 -13.53 -4.12 -3.06
C ARG A 67 -13.05 -3.25 -1.92
N LEU A 68 -12.71 -3.93 -0.84
CA LEU A 68 -12.23 -3.29 0.34
C LEU A 68 -10.75 -3.58 0.43
N LYS A 69 -9.98 -2.69 1.04
CA LYS A 69 -8.57 -2.98 1.29
C LYS A 69 -8.12 -2.71 2.72
N ILE A 70 -7.46 -3.71 3.31
CA ILE A 70 -7.02 -3.67 4.71
C ILE A 70 -5.50 -3.80 4.75
N GLU A 71 -4.83 -2.85 5.39
CA GLU A 71 -3.38 -2.90 5.59
C GLU A 71 -3.07 -2.99 7.08
N ILE A 72 -2.27 -3.99 7.44
CA ILE A 72 -1.90 -4.21 8.83
C ILE A 72 -0.40 -4.48 8.89
N VAL A 73 0.32 -3.70 9.69
CA VAL A 73 1.75 -3.90 9.84
C VAL A 73 1.96 -4.52 11.22
N VAL A 74 2.73 -5.60 11.26
CA VAL A 74 2.84 -6.38 12.48
C VAL A 74 4.27 -6.85 12.69
N SER A 75 4.60 -7.14 13.95
CA SER A 75 5.86 -7.79 14.27
C SER A 75 5.67 -8.76 15.44
N LYS A 76 5.32 -8.25 16.61
CA LYS A 76 5.15 -9.12 17.77
C LYS A 76 3.96 -10.08 17.56
N VAL A 77 3.01 -9.70 16.72
CA VAL A 77 1.86 -10.54 16.40
C VAL A 77 2.18 -11.37 15.16
N PRO A 78 2.23 -12.71 15.31
CA PRO A 78 2.70 -13.53 14.19
C PRO A 78 1.82 -13.41 12.96
N VAL A 79 2.46 -13.36 11.79
CA VAL A 79 1.77 -13.19 10.52
C VAL A 79 0.91 -14.40 10.15
N ASP A 80 1.33 -15.61 10.53
CA ASP A 80 0.52 -16.80 10.25
C ASP A 80 -0.80 -16.73 11.03
N GLN A 81 -0.79 -16.02 12.14
CA GLN A 81 -1.96 -15.86 12.98
C GLN A 81 -2.93 -14.87 12.33
N VAL A 82 -2.38 -13.84 11.71
CA VAL A 82 -3.18 -12.86 11.01
C VAL A 82 -3.78 -13.46 9.74
N THR A 83 -2.97 -14.11 8.91
CA THR A 83 -3.49 -14.66 7.67
C THR A 83 -4.56 -15.73 7.96
N GLU A 84 -4.30 -16.63 8.89
CA GLU A 84 -5.27 -17.66 9.19
C GLU A 84 -6.56 -17.04 9.74
N THR A 85 -6.47 -16.03 10.61
CA THR A 85 -7.67 -15.36 11.11
C THR A 85 -8.48 -14.74 9.96
N ALA A 86 -7.78 -14.38 8.89
CA ALA A 86 -8.42 -13.72 7.77
C ALA A 86 -9.04 -14.74 6.82
N LYS A 87 -8.36 -15.88 6.64
CA LYS A 87 -8.84 -16.94 5.77
C LYS A 87 -10.19 -17.37 6.32
N ARG A 88 -10.21 -17.48 7.62
CA ARG A 88 -11.34 -18.03 8.31
C ARG A 88 -12.53 -17.11 8.19
N VAL A 89 -12.39 -15.88 8.68
CA VAL A 89 -13.50 -14.94 8.72
C VAL A 89 -14.00 -14.55 7.36
N LEU A 90 -13.12 -14.46 6.38
CA LEU A 90 -13.47 -13.82 5.11
C LEU A 90 -13.92 -14.83 4.04
N LYS A 91 -13.54 -16.09 4.21
CA LYS A 91 -13.82 -17.14 3.25
C LYS A 91 -15.32 -17.50 3.17
N THR A 92 -15.86 -17.49 1.96
CA THR A 92 -17.26 -17.86 1.75
C THR A 92 -17.40 -18.86 0.62
N GLY A 93 -16.27 -19.24 0.00
CA GLY A 93 -16.28 -20.24 -1.04
C GLY A 93 -16.40 -19.61 -2.42
N SER A 94 -17.05 -18.46 -2.50
CA SER A 94 -17.39 -17.88 -3.80
C SER A 94 -16.34 -16.83 -4.24
N PRO A 95 -16.37 -16.39 -5.50
CA PRO A 95 -15.31 -15.51 -5.97
C PRO A 95 -15.58 -14.08 -5.47
N GLY A 96 -14.49 -13.34 -5.19
CA GLY A 96 -14.56 -12.06 -4.50
C GLY A 96 -14.20 -12.24 -3.03
N ASP A 97 -13.72 -13.42 -2.69
CA ASP A 97 -13.18 -13.67 -1.36
C ASP A 97 -11.89 -12.89 -1.25
N GLY A 98 -11.25 -12.64 -2.40
CA GLY A 98 -10.06 -11.83 -2.43
C GLY A 98 -8.80 -12.52 -1.93
N LYS A 99 -7.68 -11.80 -1.99
CA LYS A 99 -6.39 -12.39 -1.73
C LYS A 99 -5.71 -11.67 -0.61
N ILE A 100 -4.65 -12.28 -0.09
CA ILE A 100 -3.75 -11.63 0.86
C ILE A 100 -2.32 -11.54 0.31
N PHE A 101 -1.69 -10.38 0.38
CA PHE A 101 -0.28 -10.25 0.00
C PHE A 101 0.55 -9.87 1.18
N VAL A 102 1.74 -10.42 1.31
CA VAL A 102 2.56 -10.15 2.47
C VAL A 102 3.92 -9.72 2.04
N TYR A 103 4.45 -8.64 2.62
CA TYR A 103 5.83 -8.25 2.33
C TYR A 103 6.55 -7.67 3.54
N GLU A 104 7.87 -7.73 3.50
CA GLU A 104 8.71 -7.31 4.60
C GLU A 104 8.87 -5.78 4.65
N ILE A 105 8.89 -5.25 5.87
CA ILE A 105 9.01 -3.83 6.11
C ILE A 105 10.38 -3.58 6.77
N SER A 106 11.25 -2.81 6.11
CA SER A 106 12.60 -2.56 6.65
C SER A 106 12.57 -1.95 8.06
N ASN A 107 11.68 -0.99 8.28
CA ASN A 107 11.64 -0.32 9.58
C ASN A 107 10.32 0.43 9.79
N THR A 108 9.93 0.60 11.05
CA THR A 108 8.75 1.36 11.42
C THR A 108 9.15 2.43 12.44
N ILE A 109 8.64 3.65 12.26
CA ILE A 109 8.91 4.72 13.19
C ILE A 109 7.61 5.19 13.81
N ASN A 110 7.52 5.21 15.14
CA ASN A 110 6.35 5.76 15.80
C ASN A 110 6.53 7.26 16.00
N ILE A 111 5.86 8.05 15.19
CA ILE A 111 6.07 9.50 15.16
C ILE A 111 5.95 10.21 16.51
N ARG A 112 5.03 9.75 17.34
CA ARG A 112 4.68 10.45 18.57
C ARG A 112 5.65 10.13 19.70
N THR A 113 6.30 8.96 19.65
CA THR A 113 7.15 8.55 20.76
C THR A 113 8.60 8.42 20.35
N GLY A 114 8.84 8.39 19.05
CA GLY A 114 10.18 8.32 18.51
C GLY A 114 10.74 6.92 18.39
N GLU A 115 9.95 5.90 18.67
CA GLU A 115 10.52 4.55 18.71
C GLU A 115 10.57 3.89 17.34
N GLU A 116 11.47 2.93 17.17
CA GLU A 116 11.64 2.25 15.90
C GLU A 116 11.64 0.75 16.07
N GLY A 117 11.34 0.02 14.99
CA GLY A 117 11.26 -1.42 15.02
C GLY A 117 9.99 -1.89 15.71
N PRO A 118 9.98 -3.16 16.16
CA PRO A 118 8.79 -3.75 16.81
C PRO A 118 8.21 -2.94 17.99
N GLU A 119 9.07 -2.31 18.80
CA GLU A 119 8.58 -1.55 19.94
C GLU A 119 7.75 -0.31 19.51
N ALA A 120 7.89 0.08 18.25
CA ALA A 120 7.15 1.22 17.66
C ALA A 120 5.72 0.86 17.34
N LEU A 121 5.49 -0.43 17.03
CA LEU A 121 4.15 -0.88 16.68
C LEU A 121 3.27 -1.10 17.92
N SER B 7 23.74 1.32 -3.07
CA SER B 7 24.26 2.16 -4.14
C SER B 7 23.14 2.78 -4.95
N GLY B 8 22.57 2.00 -5.86
CA GLY B 8 21.39 2.42 -6.58
C GLY B 8 20.13 1.96 -5.89
N GLN B 9 20.13 1.97 -4.56
CA GLN B 9 18.97 1.49 -3.83
C GLN B 9 17.88 2.54 -3.87
N MET B 10 16.64 2.06 -3.96
CA MET B 10 15.47 2.92 -3.94
C MET B 10 14.56 2.47 -2.80
N PHE B 11 13.92 3.42 -2.14
CA PHE B 11 13.07 3.09 -1.00
C PHE B 11 11.76 3.85 -1.05
N LYS B 12 10.75 3.23 -0.45
CA LYS B 12 9.48 3.91 -0.29
C LYS B 12 9.29 4.23 1.16
N VAL B 13 8.90 5.46 1.42
CA VAL B 13 8.58 5.88 2.76
C VAL B 13 7.09 6.15 2.75
N GLU B 14 6.39 5.53 3.68
CA GLU B 14 4.93 5.58 3.73
C GLU B 14 4.53 6.11 5.08
N ILE B 15 3.89 7.28 5.13
CA ILE B 15 3.42 7.83 6.39
C ILE B 15 1.90 7.69 6.45
N VAL B 16 1.38 7.25 7.58
CA VAL B 16 -0.04 7.28 7.79
C VAL B 16 -0.21 8.10 9.03
N THR B 17 -1.06 9.11 8.97
CA THR B 17 -1.12 10.12 10.01
C THR B 17 -2.45 10.83 9.93
N ARG B 18 -2.77 11.62 10.95
CA ARG B 18 -3.95 12.48 10.88
C ARG B 18 -3.77 13.57 9.81
N PRO B 19 -4.88 14.12 9.31
CA PRO B 19 -4.82 15.12 8.24
C PRO B 19 -4.49 16.54 8.74
N ALA B 20 -3.23 16.85 8.98
CA ALA B 20 -2.87 18.20 9.44
C ALA B 20 -1.38 18.51 9.40
N ASN B 21 -1.06 19.74 9.01
CA ASN B 21 0.32 20.16 8.78
C ASN B 21 0.89 19.45 7.58
N PHE B 22 0.01 18.91 6.74
CA PHE B 22 0.43 18.31 5.48
C PHE B 22 1.17 19.37 4.71
N GLU B 23 0.65 20.58 4.82
CA GLU B 23 1.12 21.74 4.07
C GLU B 23 2.49 22.21 4.57
N LYS B 24 2.70 22.13 5.88
CA LYS B 24 4.01 22.41 6.48
C LYS B 24 5.04 21.35 6.03
N LEU B 25 4.61 20.08 6.06
CA LEU B 25 5.41 18.97 5.57
C LEU B 25 5.84 19.16 4.11
N LYS B 26 4.91 19.47 3.23
CA LYS B 26 5.22 19.64 1.82
C LYS B 26 6.41 20.59 1.69
N GLN B 27 6.50 21.53 2.61
CA GLN B 27 7.41 22.65 2.48
C GLN B 27 8.80 22.26 2.96
N GLU B 28 8.87 21.60 4.12
CA GLU B 28 10.11 21.06 4.66
C GLU B 28 10.68 19.89 3.84
N LEU B 29 9.81 19.03 3.32
CA LEU B 29 10.30 17.93 2.47
C LEU B 29 10.85 18.46 1.16
N GLY B 30 10.37 19.64 0.75
CA GLY B 30 10.88 20.29 -0.44
C GLY B 30 12.30 20.79 -0.26
N LYS B 31 12.54 21.45 0.88
CA LYS B 31 13.86 21.97 1.17
C LYS B 31 14.93 20.88 1.08
N ILE B 32 14.59 19.65 1.47
CA ILE B 32 15.60 18.60 1.60
C ILE B 32 15.77 17.75 0.36
N GLY B 33 15.05 18.07 -0.73
CA GLY B 33 15.26 17.36 -1.99
C GLY B 33 14.09 16.59 -2.59
N VAL B 34 12.97 16.45 -1.87
CA VAL B 34 11.83 15.74 -2.44
C VAL B 34 11.13 16.57 -3.51
N THR B 35 10.95 15.97 -4.68
CA THR B 35 10.34 16.66 -5.81
C THR B 35 8.88 16.30 -6.00
N SER B 36 8.50 15.08 -5.64
CA SER B 36 7.13 14.65 -5.83
C SER B 36 6.73 13.62 -4.81
N LEU B 37 5.44 13.59 -4.52
CA LEU B 37 4.90 12.59 -3.62
C LEU B 37 3.44 12.29 -3.96
N THR B 38 2.94 11.21 -3.37
CA THR B 38 1.58 10.76 -3.60
C THR B 38 0.87 10.73 -2.27
N PHE B 39 -0.40 11.10 -2.26
CA PHE B 39 -1.18 10.98 -1.02
C PHE B 39 -2.59 10.56 -1.32
N SER B 40 -3.23 9.96 -0.31
CA SER B 40 -4.59 9.49 -0.47
C SER B 40 -5.33 9.63 0.84
N ASN B 41 -6.63 9.78 0.77
CA ASN B 41 -7.43 9.81 1.97
C ASN B 41 -8.00 8.43 2.23
N VAL B 42 -7.86 7.98 3.46
CA VAL B 42 -8.17 6.62 3.82
C VAL B 42 -8.64 6.63 5.24
N HIS B 43 -8.82 5.45 5.81
CA HIS B 43 -9.42 5.35 7.12
C HIS B 43 -8.51 4.60 8.07
N GLY B 44 -8.54 4.99 9.33
CA GLY B 44 -7.77 4.29 10.33
C GLY B 44 -8.75 3.64 11.26
N CYS B 45 -8.29 2.64 12.00
CA CYS B 45 -9.18 1.91 12.88
C CYS B 45 -8.40 1.43 14.09
N GLY B 46 -8.84 1.87 15.27
CA GLY B 46 -8.23 1.48 16.52
C GLY B 46 -9.02 0.38 17.20
N LEU B 47 -8.33 -0.70 17.51
CA LEU B 47 -8.92 -1.81 18.24
C LEU B 47 -8.25 -1.89 19.60
N GLN B 48 -9.06 -1.94 20.64
CA GLN B 48 -8.59 -2.04 22.01
C GLN B 48 -9.35 -3.15 22.67
N LYS B 49 -8.67 -3.94 23.49
CA LYS B 49 -9.35 -4.90 24.34
C LYS B 49 -9.94 -4.26 25.58
N ALA B 50 -11.20 -4.57 25.84
CA ALA B 50 -11.89 -4.02 26.99
C ALA B 50 -12.63 -5.14 27.71
N HIS B 51 -12.74 -4.98 29.03
CA HIS B 51 -13.57 -5.85 29.84
C HIS B 51 -15.04 -5.60 29.55
N THR B 52 -15.80 -6.66 29.35
CA THR B 52 -17.24 -6.50 29.37
C THR B 52 -17.57 -6.31 30.82
N GLU B 53 -18.72 -5.75 31.10
CA GLU B 53 -19.13 -5.50 32.47
C GLU B 53 -18.93 -6.75 33.37
N LEU B 54 -18.48 -6.54 34.60
CA LEU B 54 -18.28 -7.63 35.57
C LEU B 54 -17.12 -8.55 35.19
N TYR B 55 -16.32 -8.11 34.23
CA TYR B 55 -15.12 -8.82 33.86
C TYR B 55 -15.45 -10.18 33.29
N ARG B 56 -16.69 -10.34 32.85
CA ARG B 56 -17.15 -11.60 32.28
C ARG B 56 -16.33 -12.03 31.06
N GLY B 57 -16.09 -11.11 30.14
CA GLY B 57 -15.44 -11.44 28.90
C GLY B 57 -14.67 -10.27 28.34
N VAL B 58 -14.31 -10.34 27.06
CA VAL B 58 -13.65 -9.21 26.42
C VAL B 58 -14.38 -8.81 25.15
N LYS B 59 -14.62 -7.51 25.02
CA LYS B 59 -15.15 -6.93 23.80
C LYS B 59 -13.98 -6.22 23.12
N ILE B 60 -14.02 -6.10 21.81
CA ILE B 60 -13.03 -5.30 21.11
C ILE B 60 -13.67 -3.95 20.77
N GLU B 61 -13.24 -2.91 21.47
CA GLU B 61 -13.67 -1.55 21.19
C GLU B 61 -13.11 -1.15 19.85
N SER B 62 -14.00 -0.93 18.89
CA SER B 62 -13.58 -0.50 17.56
C SER B 62 -13.77 1.01 17.42
N ASN B 63 -12.88 1.65 16.68
CA ASN B 63 -12.92 3.10 16.49
C ASN B 63 -12.44 3.45 15.08
N VAL B 64 -13.11 4.38 14.42
CA VAL B 64 -12.71 4.74 13.06
C VAL B 64 -12.32 6.22 12.92
N TYR B 65 -11.24 6.47 12.20
CA TYR B 65 -10.69 7.80 12.01
C TYR B 65 -10.47 8.12 10.53
N GLU B 66 -10.35 9.41 10.22
CA GLU B 66 -9.88 9.82 8.89
C GLU B 66 -8.37 9.95 8.94
N ARG B 67 -7.68 9.39 7.95
CA ARG B 67 -6.24 9.38 7.95
C ARG B 67 -5.74 9.82 6.57
N LEU B 68 -4.60 10.50 6.56
CA LEU B 68 -3.89 10.82 5.35
C LEU B 68 -2.83 9.75 5.11
N LYS B 69 -2.68 9.26 3.90
CA LYS B 69 -1.54 8.39 3.63
C LYS B 69 -0.63 8.92 2.53
N ILE B 70 0.64 9.10 2.89
CA ILE B 70 1.61 9.71 2.02
C ILE B 70 2.68 8.72 1.57
N GLU B 71 2.87 8.58 0.26
CA GLU B 71 3.91 7.69 -0.26
C GLU B 71 5.00 8.46 -1.00
N ILE B 72 6.24 8.30 -0.53
CA ILE B 72 7.37 9.01 -1.08
C ILE B 72 8.48 8.03 -1.43
N VAL B 73 8.71 7.80 -2.72
CA VAL B 73 9.82 6.96 -3.14
C VAL B 73 11.05 7.84 -3.33
N VAL B 74 12.21 7.35 -2.92
CA VAL B 74 13.42 8.16 -2.91
C VAL B 74 14.60 7.31 -3.32
N SER B 75 15.67 7.93 -3.76
CA SER B 75 16.89 7.19 -4.01
C SER B 75 18.09 8.01 -3.56
N LYS B 76 18.19 9.21 -4.13
CA LYS B 76 19.25 10.19 -3.82
C LYS B 76 19.02 10.95 -2.50
N VAL B 77 17.77 11.30 -2.20
CA VAL B 77 17.46 11.89 -0.89
C VAL B 77 17.53 10.78 0.16
N PRO B 78 18.37 10.94 1.19
CA PRO B 78 18.47 9.77 2.06
C PRO B 78 17.24 9.54 2.96
N VAL B 79 16.87 8.28 3.17
CA VAL B 79 15.69 7.95 3.96
C VAL B 79 15.67 8.61 5.35
N ASP B 80 16.80 8.63 6.06
CA ASP B 80 16.90 9.25 7.38
C ASP B 80 16.44 10.70 7.38
N GLN B 81 16.50 11.32 6.23
CA GLN B 81 16.25 12.73 6.15
C GLN B 81 14.76 13.00 5.90
N VAL B 82 14.11 12.10 5.15
CA VAL B 82 12.65 12.15 4.99
C VAL B 82 11.97 11.79 6.31
N THR B 83 12.38 10.68 6.90
CA THR B 83 11.70 10.21 8.09
C THR B 83 11.95 11.20 9.21
N GLU B 84 13.11 11.82 9.24
CA GLU B 84 13.40 12.69 10.37
C GLU B 84 12.67 14.02 10.25
N THR B 85 12.53 14.54 9.04
CA THR B 85 11.80 15.80 8.87
C THR B 85 10.30 15.59 9.03
N ALA B 86 9.81 14.45 8.61
CA ALA B 86 8.41 14.14 8.86
C ALA B 86 8.11 13.95 10.37
N LYS B 87 8.99 13.25 11.11
CA LYS B 87 8.82 13.09 12.57
C LYS B 87 8.64 14.44 13.22
N ARG B 88 9.12 15.45 12.52
CA ARG B 88 9.42 16.73 13.13
C ARG B 88 8.22 17.65 12.98
N VAL B 89 7.65 17.70 11.77
CA VAL B 89 6.52 18.61 11.56
C VAL B 89 5.21 17.95 12.00
N LEU B 90 5.22 16.64 12.18
CA LEU B 90 4.00 15.88 12.48
C LEU B 90 3.87 15.50 13.95
N LYS B 91 4.97 15.51 14.69
CA LYS B 91 4.93 15.19 16.12
C LYS B 91 4.09 16.20 16.91
N THR B 92 3.13 15.72 17.71
CA THR B 92 2.36 16.60 18.62
C THR B 92 2.29 16.04 20.05
N GLY B 93 2.43 14.73 20.21
CA GLY B 93 2.34 14.12 21.53
C GLY B 93 1.03 13.39 21.78
N SER B 94 0.06 13.57 20.88
CA SER B 94 -1.26 12.95 21.03
C SER B 94 -1.47 11.84 19.99
N PRO B 95 -2.26 10.81 20.33
CA PRO B 95 -2.35 9.71 19.36
C PRO B 95 -3.12 10.12 18.11
N GLY B 96 -2.71 9.56 16.98
CA GLY B 96 -3.13 10.02 15.69
C GLY B 96 -1.97 10.74 15.04
N ASP B 97 -0.83 10.75 15.72
CA ASP B 97 0.39 11.33 15.17
C ASP B 97 0.87 10.46 14.01
N GLY B 98 0.52 9.18 14.06
CA GLY B 98 0.81 8.27 12.96
C GLY B 98 2.15 7.52 13.02
N LYS B 99 2.44 6.82 11.93
CA LYS B 99 3.58 5.91 11.89
C LYS B 99 4.23 6.01 10.54
N ILE B 100 5.48 5.58 10.44
CA ILE B 100 6.19 5.61 9.17
C ILE B 100 6.79 4.24 8.86
N PHE B 101 6.48 3.76 7.66
CA PHE B 101 6.89 2.45 7.21
C PHE B 101 7.88 2.63 6.07
N VAL B 102 9.03 1.98 6.16
CA VAL B 102 10.01 2.06 5.08
C VAL B 102 10.24 0.67 4.51
N TYR B 103 10.04 0.51 3.21
CA TYR B 103 10.38 -0.77 2.57
C TYR B 103 11.06 -0.51 1.23
N GLU B 104 11.67 -1.54 0.66
CA GLU B 104 12.52 -1.26 -0.50
C GLU B 104 11.91 -1.60 -1.86
N ILE B 105 12.31 -0.79 -2.83
CA ILE B 105 11.77 -0.82 -4.16
C ILE B 105 12.81 -1.45 -5.09
N SER B 106 12.44 -2.58 -5.70
CA SER B 106 13.27 -3.23 -6.71
C SER B 106 13.52 -2.35 -7.91
N ASN B 107 12.50 -1.60 -8.34
CA ASN B 107 12.66 -0.81 -9.54
C ASN B 107 11.72 0.38 -9.61
N THR B 108 12.15 1.45 -10.30
CA THR B 108 11.27 2.56 -10.58
C THR B 108 11.30 2.83 -12.08
N ILE B 109 10.15 3.09 -12.70
CA ILE B 109 10.06 3.32 -14.14
C ILE B 109 9.44 4.68 -14.41
N ASN B 110 10.14 5.55 -15.13
CA ASN B 110 9.56 6.82 -15.52
C ASN B 110 8.85 6.62 -16.83
N ILE B 111 7.54 6.80 -16.84
CA ILE B 111 6.75 6.51 -18.03
C ILE B 111 6.91 7.53 -19.17
N ARG B 112 6.93 8.83 -18.84
CA ARG B 112 7.01 9.86 -19.86
C ARG B 112 8.35 9.81 -20.58
N THR B 113 9.33 9.14 -19.98
CA THR B 113 10.70 9.17 -20.48
C THR B 113 11.39 7.80 -20.52
N GLY B 114 10.65 6.74 -20.22
CA GLY B 114 11.17 5.38 -20.31
C GLY B 114 12.41 4.98 -19.49
N GLU B 115 13.08 5.91 -18.80
CA GLU B 115 14.26 5.52 -18.00
C GLU B 115 13.90 4.63 -16.81
N GLU B 116 14.87 3.87 -16.33
CA GLU B 116 14.62 2.92 -15.24
C GLU B 116 15.63 3.11 -14.11
N GLY B 117 15.40 2.43 -12.99
CA GLY B 117 16.34 2.49 -11.89
C GLY B 117 16.34 3.86 -11.24
N PRO B 118 17.29 4.10 -10.34
CA PRO B 118 17.39 5.34 -9.56
C PRO B 118 17.35 6.65 -10.36
N GLU B 119 17.44 6.57 -11.69
CA GLU B 119 17.41 7.79 -12.49
C GLU B 119 15.99 8.25 -12.85
N ALA B 120 15.02 7.34 -12.73
CA ALA B 120 13.64 7.63 -13.11
C ALA B 120 12.94 8.51 -12.07
N LEU B 121 13.56 8.68 -10.91
CA LEU B 121 13.02 9.60 -9.93
C LEU B 121 13.42 11.06 -10.25
N SER C 7 13.05 -18.28 -9.02
CA SER C 7 12.09 -19.31 -9.39
C SER C 7 10.65 -18.83 -9.35
N GLY C 8 9.93 -19.20 -8.30
CA GLY C 8 8.55 -18.76 -8.11
C GLY C 8 8.48 -17.46 -7.32
N GLN C 9 9.13 -16.42 -7.83
CA GLN C 9 9.09 -15.10 -7.20
C GLN C 9 7.80 -14.37 -7.57
N MET C 10 7.26 -13.61 -6.63
CA MET C 10 6.07 -12.81 -6.88
C MET C 10 6.40 -11.34 -6.66
N PHE C 11 5.86 -10.47 -7.51
CA PHE C 11 6.14 -9.03 -7.42
C PHE C 11 4.86 -8.23 -7.54
N LYS C 12 4.83 -7.11 -6.83
CA LYS C 12 3.75 -6.15 -6.96
C LYS C 12 4.25 -5.04 -7.87
N VAL C 13 3.42 -4.60 -8.80
CA VAL C 13 3.75 -3.46 -9.65
C VAL C 13 2.74 -2.38 -9.37
N GLU C 14 3.21 -1.16 -9.18
CA GLU C 14 2.37 -0.10 -8.69
C GLU C 14 2.48 1.00 -9.71
N ILE C 15 1.37 1.34 -10.34
CA ILE C 15 1.39 2.37 -11.37
C ILE C 15 0.67 3.58 -10.85
N VAL C 16 1.31 4.74 -10.91
CA VAL C 16 0.62 5.96 -10.56
C VAL C 16 0.63 6.88 -11.79
N THR C 17 -0.54 7.14 -12.35
CA THR C 17 -0.60 7.84 -13.61
C THR C 17 -1.86 8.67 -13.66
N ARG C 18 -1.94 9.59 -14.62
CA ARG C 18 -3.19 10.33 -14.81
C ARG C 18 -4.34 9.35 -15.00
N PRO C 19 -5.57 9.75 -14.61
CA PRO C 19 -6.73 8.87 -14.82
C PRO C 19 -7.21 8.93 -16.25
N ALA C 20 -6.55 8.22 -17.15
CA ALA C 20 -6.92 8.21 -18.56
C ALA C 20 -6.26 7.02 -19.24
N ASN C 21 -6.82 6.59 -20.36
CA ASN C 21 -6.32 5.43 -21.10
C ASN C 21 -6.41 4.12 -20.31
N PHE C 22 -7.15 4.12 -19.20
CA PHE C 22 -7.28 2.92 -18.38
C PHE C 22 -7.82 1.75 -19.20
N GLU C 23 -8.68 2.04 -20.16
CA GLU C 23 -9.44 0.97 -20.79
C GLU C 23 -8.57 0.13 -21.71
N LYS C 24 -7.62 0.77 -22.39
CA LYS C 24 -6.73 0.04 -23.28
C LYS C 24 -5.66 -0.73 -22.51
N LEU C 25 -5.17 -0.13 -21.43
CA LEU C 25 -4.26 -0.80 -20.52
C LEU C 25 -4.85 -2.13 -20.02
N LYS C 26 -6.18 -2.22 -19.98
CA LYS C 26 -6.86 -3.44 -19.56
C LYS C 26 -6.72 -4.52 -20.62
N GLN C 27 -7.19 -4.22 -21.84
CA GLN C 27 -6.94 -5.08 -22.98
C GLN C 27 -5.53 -5.65 -22.94
N GLU C 28 -4.55 -4.76 -23.08
CA GLU C 28 -3.18 -5.18 -23.31
C GLU C 28 -2.61 -6.02 -22.19
N LEU C 29 -3.18 -5.88 -21.00
CA LEU C 29 -2.70 -6.66 -19.87
C LEU C 29 -3.38 -8.03 -19.74
N GLY C 30 -4.68 -8.08 -19.99
CA GLY C 30 -5.42 -9.32 -20.00
C GLY C 30 -4.90 -10.25 -21.08
N LYS C 31 -4.35 -9.64 -22.14
CA LYS C 31 -3.80 -10.36 -23.27
C LYS C 31 -2.46 -11.05 -22.95
N ILE C 32 -1.75 -10.56 -21.94
CA ILE C 32 -0.49 -11.17 -21.50
C ILE C 32 -0.67 -11.98 -20.23
N GLY C 33 -1.91 -12.24 -19.85
CA GLY C 33 -2.20 -13.19 -18.79
C GLY C 33 -2.62 -12.62 -17.45
N VAL C 34 -2.82 -11.31 -17.36
CA VAL C 34 -3.27 -10.71 -16.10
C VAL C 34 -4.76 -10.99 -15.91
N THR C 35 -5.08 -11.64 -14.80
CA THR C 35 -6.44 -12.16 -14.54
C THR C 35 -7.26 -11.15 -13.74
N SER C 36 -6.61 -10.35 -12.91
CA SER C 36 -7.32 -9.34 -12.13
C SER C 36 -6.35 -8.33 -11.48
N LEU C 37 -6.80 -7.09 -11.33
CA LEU C 37 -5.98 -6.04 -10.75
C LEU C 37 -6.81 -5.20 -9.77
N THR C 38 -6.15 -4.30 -9.04
CA THR C 38 -6.81 -3.41 -8.08
C THR C 38 -6.50 -1.98 -8.50
N PHE C 39 -7.48 -1.08 -8.44
CA PHE C 39 -7.23 0.35 -8.67
C PHE C 39 -7.93 1.33 -7.70
N SER C 40 -7.31 2.48 -7.45
CA SER C 40 -7.88 3.47 -6.54
C SER C 40 -7.58 4.87 -7.06
N ASN C 41 -8.37 5.86 -6.67
CA ASN C 41 -8.02 7.22 -7.07
C ASN C 41 -7.25 7.92 -5.93
N VAL C 42 -6.01 8.29 -6.23
CA VAL C 42 -5.19 9.02 -5.27
C VAL C 42 -4.87 10.44 -5.80
N HIS C 43 -3.84 11.07 -5.24
CA HIS C 43 -3.41 12.42 -5.64
C HIS C 43 -1.90 12.52 -5.64
N GLY C 44 -1.36 13.44 -6.43
CA GLY C 44 0.08 13.61 -6.50
C GLY C 44 0.42 15.07 -6.63
N CYS C 45 1.54 15.49 -6.04
CA CYS C 45 1.94 16.89 -6.18
C CYS C 45 3.44 17.05 -6.26
N GLY C 46 3.84 17.97 -7.13
CA GLY C 46 5.22 18.40 -7.22
C GLY C 46 5.56 19.35 -6.08
N LEU C 47 6.75 19.19 -5.54
CA LEU C 47 7.34 20.16 -4.62
C LEU C 47 8.50 20.81 -5.35
N GLN C 48 8.69 22.11 -5.14
CA GLN C 48 9.84 22.79 -5.73
C GLN C 48 10.47 23.71 -4.70
N LYS C 49 10.83 24.92 -5.14
CA LYS C 49 11.40 25.94 -4.26
C LYS C 49 11.05 27.32 -4.82
N VAL C 58 14.65 29.03 1.37
CA VAL C 58 13.84 28.32 0.38
C VAL C 58 12.36 28.54 0.67
N LYS C 59 11.56 28.71 -0.39
CA LYS C 59 10.11 28.70 -0.30
C LYS C 59 9.67 27.59 -1.24
N ILE C 60 8.65 26.83 -0.89
CA ILE C 60 8.22 25.69 -1.73
C ILE C 60 6.80 25.91 -2.31
N GLU C 61 6.64 25.71 -3.62
CA GLU C 61 5.33 25.84 -4.29
C GLU C 61 4.95 24.46 -4.85
N SER C 62 3.68 24.05 -4.78
CA SER C 62 3.28 22.66 -5.11
C SER C 62 1.90 22.52 -5.80
N ASN C 63 1.79 21.88 -6.97
CA ASN C 63 0.41 21.61 -7.48
C ASN C 63 -0.03 20.15 -7.60
N VAL C 64 -1.33 19.99 -7.34
CA VAL C 64 -1.93 18.72 -6.95
C VAL C 64 -2.91 18.25 -8.00
N TYR C 65 -2.65 17.05 -8.50
CA TYR C 65 -3.47 16.46 -9.53
C TYR C 65 -3.97 15.08 -9.11
N GLU C 66 -5.17 14.73 -9.56
CA GLU C 66 -5.76 13.41 -9.33
C GLU C 66 -4.98 12.37 -10.12
N ARG C 67 -4.72 11.21 -9.53
CA ARG C 67 -4.07 10.12 -10.26
C ARG C 67 -4.82 8.82 -10.03
N LEU C 68 -4.51 7.82 -10.85
CA LEU C 68 -4.95 6.44 -10.68
C LEU C 68 -3.84 5.60 -10.11
N LYS C 69 -4.12 4.86 -9.05
CA LYS C 69 -3.15 3.91 -8.53
C LYS C 69 -3.59 2.50 -8.86
N ILE C 70 -2.84 1.88 -9.77
CA ILE C 70 -3.10 0.55 -10.27
C ILE C 70 -2.09 -0.43 -9.64
N GLU C 71 -2.56 -1.52 -9.03
CA GLU C 71 -1.64 -2.46 -8.41
C GLU C 71 -1.90 -3.85 -8.95
N ILE C 72 -0.93 -4.40 -9.67
CA ILE C 72 -1.03 -5.76 -10.14
C ILE C 72 0.00 -6.66 -9.45
N VAL C 73 -0.43 -7.81 -8.92
CA VAL C 73 0.48 -8.76 -8.32
C VAL C 73 0.64 -9.99 -9.21
N VAL C 74 1.88 -10.29 -9.60
CA VAL C 74 2.17 -11.34 -10.56
C VAL C 74 3.27 -12.25 -10.07
N SER C 75 3.30 -13.46 -10.59
CA SER C 75 4.46 -14.33 -10.45
C SER C 75 4.73 -15.02 -11.78
N LYS C 76 3.72 -15.65 -12.36
CA LYS C 76 3.88 -16.34 -13.63
C LYS C 76 4.05 -15.35 -14.77
N VAL C 77 3.09 -14.44 -14.93
CA VAL C 77 3.23 -13.37 -15.90
C VAL C 77 4.53 -12.64 -15.60
N PRO C 78 5.52 -12.73 -16.50
CA PRO C 78 6.79 -12.09 -16.14
C PRO C 78 6.59 -10.59 -15.82
N VAL C 79 7.21 -10.15 -14.73
CA VAL C 79 7.17 -8.75 -14.35
C VAL C 79 7.57 -7.89 -15.53
N ASP C 80 8.71 -8.24 -16.11
CA ASP C 80 9.33 -7.41 -17.14
C ASP C 80 8.34 -7.24 -18.28
N GLN C 81 7.38 -8.15 -18.38
CA GLN C 81 6.35 -8.07 -19.42
C GLN C 81 5.15 -7.21 -19.05
N VAL C 82 4.90 -7.04 -17.76
CA VAL C 82 3.89 -6.10 -17.29
C VAL C 82 4.40 -4.66 -17.43
N THR C 83 5.62 -4.41 -16.99
CA THR C 83 6.11 -3.04 -16.84
C THR C 83 6.08 -2.34 -18.18
N GLU C 84 6.69 -2.95 -19.18
CA GLU C 84 6.78 -2.33 -20.51
C GLU C 84 5.50 -2.44 -21.35
N THR C 85 4.48 -3.14 -20.84
CA THR C 85 3.18 -3.14 -21.50
C THR C 85 2.47 -1.94 -20.95
N ALA C 86 2.78 -1.62 -19.71
CA ALA C 86 2.30 -0.41 -19.09
C ALA C 86 3.08 0.78 -19.67
N LYS C 87 4.36 0.60 -19.89
CA LYS C 87 5.19 1.67 -20.41
C LYS C 87 4.70 2.10 -21.79
N ARG C 88 4.59 1.14 -22.71
CA ARG C 88 4.23 1.45 -24.08
C ARG C 88 2.86 2.12 -24.20
N VAL C 89 1.90 1.69 -23.39
CA VAL C 89 0.52 2.12 -23.62
C VAL C 89 0.10 3.40 -22.90
N LEU C 90 0.78 3.75 -21.82
CA LEU C 90 0.39 4.89 -20.98
C LEU C 90 1.14 6.18 -21.35
N LYS C 91 2.21 6.03 -22.11
CA LYS C 91 3.03 7.14 -22.55
C LYS C 91 2.36 8.16 -23.48
N THR C 92 2.70 9.43 -23.29
CA THR C 92 2.22 10.50 -24.15
C THR C 92 3.21 11.65 -24.18
N GLY C 93 4.28 11.57 -23.39
CA GLY C 93 5.30 12.61 -23.35
C GLY C 93 4.89 13.89 -22.64
N SER C 94 3.60 14.02 -22.36
CA SER C 94 3.04 15.18 -21.69
C SER C 94 3.06 14.98 -20.17
N PRO C 95 2.91 16.05 -19.37
CA PRO C 95 3.03 15.83 -17.92
C PRO C 95 1.90 15.00 -17.35
N GLY C 96 2.25 14.08 -16.46
CA GLY C 96 1.26 13.23 -15.83
C GLY C 96 1.23 11.82 -16.40
N ASP C 97 2.28 11.41 -17.10
CA ASP C 97 2.41 10.01 -17.48
C ASP C 97 2.65 9.15 -16.26
N GLY C 98 3.18 9.78 -15.21
CA GLY C 98 3.43 9.13 -13.94
C GLY C 98 4.57 8.14 -13.96
N LYS C 99 4.63 7.29 -12.94
CA LYS C 99 5.74 6.37 -12.80
C LYS C 99 5.28 4.98 -12.41
N ILE C 100 6.24 4.08 -12.19
CA ILE C 100 5.93 2.70 -11.87
C ILE C 100 6.88 2.17 -10.79
N PHE C 101 6.32 1.66 -9.71
CA PHE C 101 7.13 1.20 -8.58
C PHE C 101 6.91 -0.29 -8.44
N VAL C 102 8.00 -1.06 -8.42
CA VAL C 102 7.91 -2.51 -8.31
C VAL C 102 8.59 -2.96 -7.04
N TYR C 103 7.99 -3.88 -6.30
CA TYR C 103 8.70 -4.46 -5.16
C TYR C 103 8.35 -5.93 -5.02
N GLU C 104 9.05 -6.63 -4.16
CA GLU C 104 8.92 -8.07 -4.08
C GLU C 104 7.96 -8.49 -2.96
N ILE C 105 7.17 -9.51 -3.24
CA ILE C 105 6.15 -10.02 -2.33
C ILE C 105 6.59 -11.36 -1.74
N SER C 106 6.48 -11.50 -0.41
CA SER C 106 6.90 -12.70 0.28
C SER C 106 5.97 -13.89 0.12
N ASN C 107 4.67 -13.62 0.14
CA ASN C 107 3.69 -14.68 0.06
C ASN C 107 2.36 -14.15 -0.41
N THR C 108 1.61 -14.96 -1.16
CA THR C 108 0.24 -14.62 -1.47
C THR C 108 -0.62 -15.77 -1.04
N ILE C 109 -1.81 -15.45 -0.56
CA ILE C 109 -2.75 -16.46 -0.09
C ILE C 109 -4.10 -16.26 -0.78
N ASN C 110 -4.62 -17.31 -1.40
CA ASN C 110 -5.94 -17.25 -1.97
C ASN C 110 -6.98 -17.53 -0.86
N ILE C 111 -7.87 -16.59 -0.58
CA ILE C 111 -8.75 -16.80 0.57
C ILE C 111 -9.74 -17.95 0.30
N ARG C 112 -10.17 -18.07 -0.96
CA ARG C 112 -11.17 -19.03 -1.38
C ARG C 112 -10.59 -20.44 -1.53
N THR C 113 -9.34 -20.54 -1.99
CA THR C 113 -8.77 -21.88 -2.26
C THR C 113 -7.86 -22.37 -1.14
N GLY C 114 -7.34 -21.45 -0.33
CA GLY C 114 -6.34 -21.79 0.66
C GLY C 114 -4.94 -21.91 0.09
N GLU C 115 -4.80 -21.83 -1.21
CA GLU C 115 -3.48 -21.96 -1.81
C GLU C 115 -2.55 -20.87 -1.31
N GLU C 116 -1.24 -21.11 -1.36
CA GLU C 116 -0.23 -20.10 -1.07
C GLU C 116 0.84 -20.18 -2.14
N GLY C 117 1.74 -19.19 -2.19
CA GLY C 117 2.77 -19.15 -3.21
C GLY C 117 2.19 -18.72 -4.54
N PRO C 118 2.98 -18.78 -5.63
CA PRO C 118 2.53 -18.33 -6.95
C PRO C 118 1.24 -18.99 -7.47
N GLU C 119 0.90 -20.13 -6.89
CA GLU C 119 -0.29 -20.87 -7.28
C GLU C 119 -1.53 -20.08 -6.87
N ALA C 120 -1.38 -19.30 -5.80
CA ALA C 120 -2.52 -18.58 -5.25
C ALA C 120 -3.03 -17.49 -6.20
N LEU C 121 -2.18 -17.09 -7.15
CA LEU C 121 -2.51 -15.97 -8.04
C LEU C 121 -3.28 -16.42 -9.28
PG ATP D . -8.77 -14.76 -9.78
O1G ATP D . -8.63 -14.95 -11.27
O2G ATP D . -8.12 -13.48 -9.31
O3G ATP D . -8.44 -15.97 -8.93
PB ATP D . -10.98 -13.32 -8.70
O1B ATP D . -10.91 -12.05 -9.54
O2B ATP D . -12.30 -13.79 -8.14
O3B ATP D . -10.36 -14.56 -9.52
PA ATP D . -10.39 -12.53 -6.03
O1A ATP D . -9.27 -12.84 -5.07
O2A ATP D . -11.80 -12.89 -5.66
O3A ATP D . -9.96 -13.11 -7.47
O5' ATP D . -10.38 -10.96 -6.28
C5' ATP D . -10.64 -10.12 -5.16
C4' ATP D . -10.07 -8.75 -5.45
O4' ATP D . -8.74 -8.71 -4.97
C3' ATP D . -9.96 -8.45 -6.93
O3' ATP D . -11.17 -7.93 -7.51
C2' ATP D . -8.84 -7.44 -6.93
O2' ATP D . -9.39 -6.20 -6.49
C1' ATP D . -7.91 -7.95 -5.85
N9 ATP D . -6.92 -8.82 -6.53
C8 ATP D . -7.07 -10.12 -6.85
N7 ATP D . -5.99 -10.62 -7.51
C5 ATP D . -5.12 -9.61 -7.64
C6 ATP D . -3.78 -9.45 -8.23
N6 ATP D . -3.14 -10.47 -8.84
N1 ATP D . -3.21 -8.22 -8.14
C2 ATP D . -3.82 -7.18 -7.54
N3 ATP D . -5.04 -7.26 -6.98
C4 ATP D . -5.73 -8.43 -6.99
PG ATP E . 8.88 14.85 -13.79
O1G ATP E . 9.62 16.10 -13.35
O2G ATP E . 9.54 13.57 -13.28
O3G ATP E . 8.48 14.80 -15.26
PB ATP E . 7.28 14.72 -11.49
O1B ATP E . 8.66 14.35 -10.94
O2B ATP E . 6.50 15.89 -10.92
O3B ATP E . 7.44 14.88 -13.09
PA ATP E . 5.22 13.04 -12.59
O1A ATP E . 5.71 11.80 -13.32
O2A ATP E . 4.67 14.23 -13.37
O3A ATP E . 6.27 13.47 -11.41
O5' ATP E . 4.09 12.55 -11.59
C5' ATP E . 3.21 11.47 -11.86
C4' ATP E . 2.75 11.04 -10.50
O4' ATP E . 3.58 9.98 -10.04
C3' ATP E . 2.98 12.12 -9.47
O3' ATP E . 1.93 13.09 -9.42
C2' ATP E . 3.02 11.32 -8.20
O2' ATP E . 1.69 10.99 -7.79
C1' ATP E . 3.70 10.03 -8.61
N9 ATP E . 5.12 10.14 -8.22
C8 ATP E . 6.13 10.60 -8.97
N7 ATP E . 7.30 10.56 -8.28
C5 ATP E . 7.03 10.07 -7.06
C6 ATP E . 7.80 9.75 -5.83
N6 ATP E . 9.13 9.97 -5.76
N1 ATP E . 7.13 9.25 -4.78
C2 ATP E . 5.80 9.03 -4.81
N3 ATP E . 5.05 9.29 -5.88
C4 ATP E . 5.59 9.80 -7.02
PG ATP F . -0.98 2.35 18.49
O1G ATP F . -1.50 1.62 19.70
O2G ATP F . -1.53 1.83 17.17
O3G ATP F . 0.54 2.43 18.51
PB ATP F . -2.29 4.84 17.70
O1B ATP F . -3.65 4.26 17.43
O2B ATP F . -2.17 6.25 18.24
O3B ATP F . -1.46 3.88 18.72
PA ATP F . -1.16 6.09 15.35
O1A ATP F . 0.28 5.92 14.91
O2A ATP F . -1.70 7.41 15.79
O3A ATP F . -1.49 4.82 16.32
O5' ATP F . -2.10 5.74 14.11
C5' ATP F . -2.43 6.71 13.13
C4' ATP F . -2.93 5.96 11.91
O4' ATP F . -1.89 5.21 11.33
C3' ATP F . -3.96 4.90 12.26
O3' ATP F . -5.26 5.47 12.39
C2' ATP F . -3.82 3.91 11.11
O2' ATP F . -4.57 4.28 9.94
C1' ATP F . -2.35 4.00 10.73
N9 ATP F . -1.65 2.91 11.39
C8 ATP F . -1.13 3.02 12.63
N7 ATP F . -0.52 1.87 13.01
C5 ATP F . -0.66 0.99 12.02
C6 ATP F . -0.26 -0.42 11.82
N6 ATP F . 0.44 -1.08 12.80
N1 ATP F . -0.58 -0.99 10.64
C2 ATP F . -1.27 -0.33 9.68
N3 ATP F . -1.68 0.94 9.80
C4 ATP F . -1.40 1.66 10.93
#